data_7NL8
#
_entry.id   7NL8
#
_cell.length_a   57.530
_cell.length_b   57.530
_cell.length_c   159.520
_cell.angle_alpha   90.000
_cell.angle_beta   90.000
_cell.angle_gamma   120.000
#
_symmetry.space_group_name_H-M   'P 32 2 1'
#
loop_
_entity.id
_entity.type
_entity.pdbx_description
1 polymer 'Chaperone protein IpgC'
2 non-polymer 'CHLORIDE ION'
3 non-polymer 'DIMETHYL SULFOXIDE'
4 non-polymer DI(HYDROXYETHYL)ETHER
5 non-polymer 'MAGNESIUM ION'
6 non-polymer 3-methylbenzohydrazide
7 non-polymer 'TRIETHYLENE GLYCOL'
8 water water
#
_entity_poly.entity_id   1
_entity_poly.type   'polypeptide(L)'
_entity_poly.pdbx_seq_one_letter_code
;GSISTAVIDAINSGATLKDINAIPDDMMDDIYSYAYDFYNKGRIEEAEVFFRFLCIYDFYNVDYIMGLAAIYQIKEQFQQ
AADLYAVAFALGKNDYTPVFHTGQCQLRLKAPLKAKECFELVIQHSNDEKLKIKAQSYLDAIQ
;
_entity_poly.pdbx_strand_id   A,B
#
# COMPACT_ATOMS: atom_id res chain seq x y z
N ALA A 15 -4.53 -18.02 0.34
CA ALA A 15 -4.49 -18.41 -1.07
C ALA A 15 -5.67 -17.80 -1.81
N THR A 16 -5.41 -17.24 -3.00
CA THR A 16 -6.47 -16.62 -3.77
C THR A 16 -7.05 -17.60 -4.79
N LEU A 17 -8.22 -17.24 -5.32
CA LEU A 17 -8.80 -17.99 -6.42
C LEU A 17 -7.90 -17.94 -7.64
N LYS A 18 -7.19 -16.81 -7.82
CA LYS A 18 -6.23 -16.70 -8.90
C LYS A 18 -5.09 -17.69 -8.74
N ASP A 19 -4.63 -17.89 -7.50
CA ASP A 19 -3.52 -18.82 -7.26
C ASP A 19 -3.84 -20.24 -7.73
N ILE A 20 -5.11 -20.63 -7.71
CA ILE A 20 -5.49 -21.98 -8.12
C ILE A 20 -6.12 -22.00 -9.51
N ASN A 21 -6.03 -20.89 -10.26
N ASN A 21 -6.02 -20.89 -10.25
CA ASN A 21 -6.54 -20.80 -11.62
CA ASN A 21 -6.55 -20.78 -11.62
C ASN A 21 -8.00 -21.27 -11.70
C ASN A 21 -8.00 -21.27 -11.69
N ALA A 22 -8.83 -20.72 -10.81
CA ALA A 22 -10.22 -21.14 -10.73
C ALA A 22 -11.05 -20.72 -11.94
N ILE A 23 -10.63 -19.66 -12.63
CA ILE A 23 -11.27 -19.12 -13.83
C ILE A 23 -10.18 -18.85 -14.86
N PRO A 24 -10.36 -19.23 -16.13
CA PRO A 24 -9.27 -19.03 -17.11
C PRO A 24 -8.91 -17.55 -17.24
N ASP A 25 -7.64 -17.31 -17.57
CA ASP A 25 -7.13 -15.95 -17.69
C ASP A 25 -7.95 -15.09 -18.65
N ASP A 26 -8.29 -15.64 -19.82
CA ASP A 26 -9.01 -14.86 -20.82
C ASP A 26 -10.40 -14.47 -20.33
N MET A 27 -11.05 -15.35 -19.56
CA MET A 27 -12.36 -14.99 -19.01
C MET A 27 -12.22 -13.89 -17.96
N MET A 28 -11.15 -13.93 -17.15
CA MET A 28 -10.95 -12.83 -16.21
C MET A 28 -10.74 -11.50 -16.93
N ASP A 29 -9.98 -11.51 -18.03
CA ASP A 29 -9.82 -10.30 -18.83
C ASP A 29 -11.17 -9.76 -19.30
N ASP A 30 -12.04 -10.67 -19.75
CA ASP A 30 -13.35 -10.24 -20.20
C ASP A 30 -14.13 -9.62 -19.05
N ILE A 31 -14.07 -10.24 -17.85
CA ILE A 31 -14.81 -9.71 -16.71
C ILE A 31 -14.30 -8.33 -16.34
N TYR A 32 -12.97 -8.14 -16.36
CA TYR A 32 -12.42 -6.81 -16.08
C TYR A 32 -12.89 -5.80 -17.11
N SER A 33 -12.91 -6.19 -18.39
N SER A 33 -12.91 -6.17 -18.39
CA SER A 33 -13.38 -5.28 -19.44
CA SER A 33 -13.38 -5.26 -19.42
C SER A 33 -14.85 -4.93 -19.25
C SER A 33 -14.85 -4.93 -19.25
N TYR A 34 -15.67 -5.92 -18.86
CA TYR A 34 -17.08 -5.66 -18.60
C TYR A 34 -17.26 -4.75 -17.39
N ALA A 35 -16.45 -4.96 -16.34
CA ALA A 35 -16.50 -4.06 -15.19
C ALA A 35 -16.21 -2.62 -15.61
N TYR A 36 -15.20 -2.44 -16.47
CA TYR A 36 -14.89 -1.09 -16.93
C TYR A 36 -15.98 -0.54 -17.84
N ASP A 37 -16.61 -1.40 -18.64
CA ASP A 37 -17.76 -0.96 -19.44
C ASP A 37 -18.89 -0.43 -18.55
N PHE A 38 -19.23 -1.18 -17.49
CA PHE A 38 -20.24 -0.68 -16.57
C PHE A 38 -19.83 0.67 -15.98
N TYR A 39 -18.56 0.75 -15.54
CA TYR A 39 -18.02 1.98 -14.96
C TYR A 39 -18.16 3.15 -15.92
N ASN A 40 -17.75 2.95 -17.18
CA ASN A 40 -17.76 4.04 -18.15
C ASN A 40 -19.17 4.47 -18.52
N LYS A 41 -20.14 3.58 -18.39
CA LYS A 41 -21.54 3.88 -18.68
C LYS A 41 -22.30 4.40 -17.47
N GLY A 42 -21.63 4.61 -16.33
CA GLY A 42 -22.33 5.13 -15.18
C GLY A 42 -23.16 4.09 -14.44
N ARG A 43 -23.01 2.82 -14.79
CA ARG A 43 -23.71 1.72 -14.11
C ARG A 43 -22.87 1.32 -12.90
N ILE A 44 -22.90 2.21 -11.89
CA ILE A 44 -21.95 2.10 -10.79
C ILE A 44 -22.25 0.90 -9.91
N GLU A 45 -23.54 0.60 -9.69
CA GLU A 45 -23.88 -0.53 -8.85
C GLU A 45 -23.35 -1.84 -9.45
N GLU A 46 -23.53 -2.00 -10.76
CA GLU A 46 -23.05 -3.20 -11.44
C GLU A 46 -21.52 -3.23 -11.50
N ALA A 47 -20.90 -2.09 -11.79
CA ALA A 47 -19.45 -2.04 -11.75
C ALA A 47 -18.92 -2.41 -10.37
N GLU A 48 -19.60 -1.95 -9.32
CA GLU A 48 -19.16 -2.28 -7.97
C GLU A 48 -19.24 -3.78 -7.71
N VAL A 49 -20.31 -4.44 -8.15
CA VAL A 49 -20.37 -5.89 -8.01
C VAL A 49 -19.22 -6.54 -8.74
N PHE A 50 -18.97 -6.08 -9.97
CA PHE A 50 -17.93 -6.71 -10.79
C PHE A 50 -16.54 -6.46 -10.22
N PHE A 51 -16.24 -5.23 -9.76
CA PHE A 51 -14.92 -5.01 -9.17
C PHE A 51 -14.78 -5.70 -7.83
N ARG A 52 -15.87 -5.84 -7.05
CA ARG A 52 -15.77 -6.65 -5.84
C ARG A 52 -15.48 -8.10 -6.20
N PHE A 53 -16.15 -8.62 -7.23
CA PHE A 53 -15.89 -9.97 -7.68
C PHE A 53 -14.43 -10.15 -8.05
N LEU A 54 -13.88 -9.18 -8.80
CA LEU A 54 -12.49 -9.25 -9.23
C LEU A 54 -11.54 -9.23 -8.04
N CYS A 55 -11.83 -8.40 -7.03
CA CYS A 55 -10.94 -8.30 -5.89
C CYS A 55 -11.05 -9.50 -4.97
N ILE A 56 -12.19 -10.19 -4.97
CA ILE A 56 -12.27 -11.47 -4.27
C ILE A 56 -11.41 -12.50 -4.98
N TYR A 57 -11.44 -12.47 -6.31
CA TYR A 57 -10.71 -13.46 -7.09
C TYR A 57 -9.21 -13.26 -6.93
N ASP A 58 -8.74 -12.01 -6.98
CA ASP A 58 -7.30 -11.74 -6.85
C ASP A 58 -7.11 -10.39 -6.14
N PHE A 59 -7.02 -10.44 -4.80
CA PHE A 59 -6.77 -9.23 -4.04
C PHE A 59 -5.44 -8.59 -4.41
N TYR A 60 -4.52 -9.37 -4.96
CA TYR A 60 -3.17 -8.89 -5.24
C TYR A 60 -3.04 -8.21 -6.60
N ASN A 61 -4.15 -7.95 -7.29
CA ASN A 61 -4.10 -7.37 -8.64
C ASN A 61 -4.36 -5.88 -8.49
N VAL A 62 -3.33 -5.07 -8.80
CA VAL A 62 -3.42 -3.63 -8.54
C VAL A 62 -4.55 -3.01 -9.35
N ASP A 63 -4.73 -3.43 -10.59
CA ASP A 63 -5.77 -2.82 -11.41
C ASP A 63 -7.16 -3.20 -10.90
N TYR A 64 -7.32 -4.41 -10.36
CA TYR A 64 -8.62 -4.75 -9.78
C TYR A 64 -8.90 -3.87 -8.57
N ILE A 65 -7.90 -3.69 -7.70
CA ILE A 65 -8.03 -2.85 -6.51
C ILE A 65 -8.33 -1.41 -6.91
N MET A 66 -7.58 -0.89 -7.89
CA MET A 66 -7.81 0.49 -8.33
C MET A 66 -9.23 0.69 -8.84
N GLY A 67 -9.78 -0.34 -9.48
CA GLY A 67 -11.14 -0.22 -9.98
C GLY A 67 -12.15 -0.09 -8.86
N LEU A 68 -12.00 -0.93 -7.83
CA LEU A 68 -12.89 -0.84 -6.68
C LEU A 68 -12.67 0.46 -5.92
N ALA A 69 -11.42 0.91 -5.81
CA ALA A 69 -11.17 2.18 -5.14
C ALA A 69 -11.83 3.34 -5.88
N ALA A 70 -11.80 3.29 -7.21
CA ALA A 70 -12.42 4.34 -8.02
C ALA A 70 -13.92 4.36 -7.77
N ILE A 71 -14.53 3.19 -7.68
CA ILE A 71 -15.96 3.11 -7.39
C ILE A 71 -16.26 3.75 -6.05
N TYR A 72 -15.46 3.40 -5.04
CA TYR A 72 -15.70 3.99 -3.72
C TYR A 72 -15.52 5.50 -3.76
N GLN A 73 -14.52 5.98 -4.48
CA GLN A 73 -14.31 7.42 -4.58
C GLN A 73 -15.50 8.12 -5.25
N ILE A 74 -16.01 7.53 -6.33
CA ILE A 74 -17.17 8.08 -7.02
C ILE A 74 -18.37 8.14 -6.09
N LYS A 75 -18.53 7.12 -5.25
CA LYS A 75 -19.62 7.07 -4.29
C LYS A 75 -19.36 7.95 -3.08
N GLU A 76 -18.26 8.70 -3.08
CA GLU A 76 -17.89 9.62 -2.00
C GLU A 76 -17.64 8.88 -0.69
N GLN A 77 -17.21 7.62 -0.81
CA GLN A 77 -16.68 6.87 0.33
C GLN A 77 -15.16 7.06 0.34
N PHE A 78 -14.76 8.27 0.73
CA PHE A 78 -13.40 8.74 0.45
C PHE A 78 -12.37 8.02 1.31
N GLN A 79 -12.69 7.72 2.57
CA GLN A 79 -11.73 7.02 3.40
C GLN A 79 -11.57 5.58 2.93
N GLN A 80 -12.68 4.93 2.56
CA GLN A 80 -12.61 3.57 2.03
C GLN A 80 -11.79 3.53 0.76
N ALA A 81 -11.96 4.55 -0.11
CA ALA A 81 -11.13 4.65 -1.31
C ALA A 81 -9.67 4.84 -0.95
N ALA A 82 -9.39 5.78 -0.05
CA ALA A 82 -8.01 6.05 0.35
C ALA A 82 -7.35 4.82 0.93
N ASP A 83 -8.10 4.01 1.70
CA ASP A 83 -7.54 2.79 2.25
C ASP A 83 -7.10 1.85 1.15
N LEU A 84 -7.96 1.64 0.15
CA LEU A 84 -7.61 0.75 -0.94
C LEU A 84 -6.46 1.33 -1.76
N TYR A 85 -6.43 2.65 -1.95
CA TYR A 85 -5.32 3.23 -2.70
C TYR A 85 -3.98 2.98 -2.04
N ALA A 86 -3.92 2.96 -0.70
CA ALA A 86 -2.65 2.68 -0.05
C ALA A 86 -2.19 1.27 -0.35
N VAL A 87 -3.11 0.30 -0.36
CA VAL A 87 -2.77 -1.05 -0.77
C VAL A 87 -2.34 -1.08 -2.23
N ALA A 88 -3.11 -0.40 -3.09
CA ALA A 88 -2.77 -0.41 -4.52
C ALA A 88 -1.38 0.14 -4.75
N PHE A 89 -0.99 1.19 -4.01
CA PHE A 89 0.36 1.71 -4.17
C PHE A 89 1.40 0.64 -3.88
N ALA A 90 1.12 -0.25 -2.93
N ALA A 90 1.24 -0.05 -2.76
CA ALA A 90 2.02 -1.39 -2.70
CA ALA A 90 2.28 -0.93 -2.28
C ALA A 90 1.93 -2.44 -3.81
C ALA A 90 2.55 -2.05 -3.26
N LEU A 91 0.79 -2.56 -4.49
N LEU A 91 1.48 -2.64 -3.80
CA LEU A 91 0.61 -3.59 -5.49
CA LEU A 91 1.63 -3.76 -4.73
C LEU A 91 1.10 -3.20 -6.88
C LEU A 91 2.47 -3.36 -5.93
N GLY A 92 1.35 -1.91 -7.12
N GLY A 92 2.14 -2.23 -6.55
CA GLY A 92 1.76 -1.44 -8.43
CA GLY A 92 2.83 -1.78 -7.75
C GLY A 92 3.26 -1.47 -8.65
C GLY A 92 4.12 -1.02 -7.47
N LYS A 93 3.65 -0.99 -9.84
N LYS A 93 4.30 -0.52 -6.25
CA LYS A 93 5.05 -0.95 -10.27
CA LYS A 93 5.54 0.08 -5.78
C LYS A 93 5.49 0.52 -10.30
C LYS A 93 5.89 1.41 -6.45
N ASN A 94 5.93 1.00 -9.14
N ASN A 94 5.80 1.49 -7.79
CA ASN A 94 6.38 2.38 -8.96
CA ASN A 94 6.38 2.60 -8.54
C ASN A 94 5.35 3.36 -9.51
C ASN A 94 5.35 3.40 -9.36
N ASP A 95 4.07 3.10 -9.23
CA ASP A 95 2.98 3.87 -9.84
C ASP A 95 2.38 4.79 -8.78
N TYR A 96 2.45 6.10 -9.01
CA TYR A 96 1.98 7.09 -8.06
C TYR A 96 0.54 7.52 -8.32
N THR A 97 -0.15 6.92 -9.32
CA THR A 97 -1.55 7.23 -9.54
C THR A 97 -2.40 7.00 -8.30
N PRO A 98 -2.28 5.90 -7.55
CA PRO A 98 -3.10 5.79 -6.34
C PRO A 98 -2.79 6.87 -5.32
N VAL A 99 -1.55 7.36 -5.27
CA VAL A 99 -1.22 8.44 -4.33
C VAL A 99 -1.90 9.74 -4.77
N PHE A 100 -1.93 10.00 -6.08
CA PHE A 100 -2.67 11.13 -6.60
C PHE A 100 -4.13 11.08 -6.19
N HIS A 101 -4.78 9.93 -6.39
CA HIS A 101 -6.19 9.85 -6.03
C HIS A 101 -6.38 9.94 -4.51
N THR A 102 -5.45 9.40 -3.73
CA THR A 102 -5.50 9.60 -2.29
C THR A 102 -5.48 11.09 -1.94
N GLY A 103 -4.67 11.87 -2.64
CA GLY A 103 -4.67 13.30 -2.39
C GLY A 103 -6.04 13.93 -2.62
N GLN A 104 -6.72 13.51 -3.68
CA GLN A 104 -8.07 14.00 -3.93
C GLN A 104 -8.99 13.61 -2.79
N CYS A 105 -8.93 12.36 -2.36
CA CYS A 105 -9.75 11.90 -1.24
C CYS A 105 -9.48 12.69 0.01
N GLN A 106 -8.20 12.97 0.30
CA GLN A 106 -7.88 13.72 1.50
C GLN A 106 -8.46 15.13 1.46
N LEU A 107 -8.42 15.78 0.29
CA LEU A 107 -9.05 17.08 0.17
C LEU A 107 -10.54 17.00 0.49
N ARG A 108 -11.21 15.94 0.01
CA ARG A 108 -12.64 15.80 0.29
C ARG A 108 -12.91 15.47 1.75
N LEU A 109 -11.95 14.85 2.43
CA LEU A 109 -12.03 14.57 3.85
C LEU A 109 -11.60 15.76 4.71
N LYS A 110 -11.36 16.92 4.10
CA LYS A 110 -10.95 18.13 4.82
C LYS A 110 -9.62 17.93 5.53
N ALA A 111 -8.69 17.26 4.86
CA ALA A 111 -7.35 16.99 5.38
C ALA A 111 -6.33 17.56 4.40
N PRO A 112 -6.25 18.89 4.30
CA PRO A 112 -5.42 19.49 3.22
C PRO A 112 -3.94 19.25 3.38
N LEU A 113 -3.42 19.14 4.61
CA LEU A 113 -2.00 18.90 4.77
C LEU A 113 -1.64 17.47 4.36
N LYS A 114 -2.53 16.51 4.66
CA LYS A 114 -2.33 15.17 4.13
C LYS A 114 -2.42 15.15 2.61
N ALA A 115 -3.36 15.90 2.05
CA ALA A 115 -3.48 15.94 0.60
C ALA A 115 -2.23 16.56 -0.01
N LYS A 116 -1.72 17.63 0.60
CA LYS A 116 -0.52 18.27 0.08
C LYS A 116 0.63 17.28 0.04
N GLU A 117 0.81 16.50 1.10
CA GLU A 117 1.87 15.50 1.15
C GLU A 117 1.72 14.49 0.03
N CYS A 118 0.48 14.09 -0.27
CA CYS A 118 0.25 13.15 -1.36
C CYS A 118 0.69 13.73 -2.69
N PHE A 119 0.23 14.95 -3.01
CA PHE A 119 0.55 15.52 -4.31
C PHE A 119 2.05 15.81 -4.42
N GLU A 120 2.67 16.23 -3.32
CA GLU A 120 4.11 16.44 -3.30
C GLU A 120 4.85 15.14 -3.56
N LEU A 121 4.36 14.03 -3.00
CA LEU A 121 5.01 12.74 -3.25
C LEU A 121 4.96 12.38 -4.72
N VAL A 122 3.82 12.60 -5.37
CA VAL A 122 3.69 12.36 -6.80
C VAL A 122 4.74 13.16 -7.57
N ILE A 123 4.83 14.46 -7.25
N ILE A 123 4.86 14.44 -7.25
CA ILE A 123 5.76 15.36 -7.94
CA ILE A 123 5.76 15.31 -8.01
C ILE A 123 7.19 14.89 -7.77
C ILE A 123 7.22 14.96 -7.75
N GLN A 124 7.55 14.50 -6.55
CA GLN A 124 8.94 14.17 -6.23
C GLN A 124 9.39 12.84 -6.81
N HIS A 125 8.49 11.85 -6.92
CA HIS A 125 8.90 10.50 -7.27
C HIS A 125 8.40 10.01 -8.62
N SER A 126 7.29 10.53 -9.12
CA SER A 126 6.68 9.93 -10.30
C SER A 126 7.47 10.30 -11.55
N ASN A 127 7.48 9.37 -12.51
CA ASN A 127 8.04 9.64 -13.82
C ASN A 127 6.95 9.86 -14.86
N ASP A 128 5.69 9.90 -14.42
CA ASP A 128 4.53 10.10 -15.27
C ASP A 128 4.27 11.61 -15.37
N GLU A 129 4.70 12.21 -16.48
CA GLU A 129 4.65 13.66 -16.61
C GLU A 129 3.21 14.19 -16.60
N LYS A 130 2.29 13.48 -17.25
CA LYS A 130 0.90 13.94 -17.24
C LYS A 130 0.32 13.88 -15.85
N LEU A 131 0.62 12.82 -15.10
CA LEU A 131 0.16 12.73 -13.72
C LEU A 131 0.75 13.85 -12.87
N LYS A 132 2.03 14.18 -13.11
CA LYS A 132 2.63 15.24 -12.30
C LYS A 132 2.00 16.58 -12.60
N ILE A 133 1.59 16.80 -13.86
CA ILE A 133 0.90 18.04 -14.20
C ILE A 133 -0.39 18.16 -13.40
N LYS A 134 -1.15 17.07 -13.31
CA LYS A 134 -2.39 17.09 -12.56
C LYS A 134 -2.14 17.33 -11.08
N ALA A 135 -1.13 16.64 -10.52
CA ALA A 135 -0.80 16.83 -9.10
C ALA A 135 -0.41 18.27 -8.82
N GLN A 136 0.35 18.89 -9.73
CA GLN A 136 0.77 20.27 -9.51
C GLN A 136 -0.42 21.22 -9.53
N SER A 137 -1.41 20.95 -10.39
CA SER A 137 -2.60 21.80 -10.43
C SER A 137 -3.34 21.77 -9.11
N TYR A 138 -3.40 20.60 -8.45
CA TYR A 138 -4.01 20.54 -7.12
C TYR A 138 -3.16 21.29 -6.11
N LEU A 139 -1.84 21.05 -6.11
CA LEU A 139 -0.97 21.76 -5.18
C LEU A 139 -1.10 23.27 -5.33
N ASP A 140 -1.20 23.75 -6.58
CA ASP A 140 -1.28 25.19 -6.81
C ASP A 140 -2.52 25.80 -6.17
N ALA A 141 -3.59 25.01 -6.04
CA ALA A 141 -4.85 25.49 -5.49
C ALA A 141 -4.94 25.38 -3.98
N ILE A 142 -4.11 24.53 -3.37
CA ILE A 142 -4.17 24.33 -1.93
C ILE A 142 -3.69 25.60 -1.24
N GLN A 143 -4.47 26.05 -0.25
CA GLN A 143 -4.19 27.33 0.40
C GLN A 143 -3.03 27.19 1.39
N GLY B 1 -2.86 -12.95 4.68
CA GLY B 1 -1.99 -12.05 5.40
C GLY B 1 -2.65 -10.72 5.72
N SER B 2 -1.84 -9.77 6.19
N SER B 2 -1.85 -9.76 6.20
CA SER B 2 -2.38 -8.48 6.61
CA SER B 2 -2.39 -8.46 6.59
C SER B 2 -2.98 -7.71 5.44
C SER B 2 -3.03 -7.75 5.41
N ILE B 3 -2.38 -7.82 4.24
CA ILE B 3 -2.90 -7.09 3.09
C ILE B 3 -4.21 -7.70 2.61
N SER B 4 -4.31 -9.02 2.57
N SER B 4 -4.28 -9.03 2.55
CA SER B 4 -5.56 -9.62 2.13
CA SER B 4 -5.53 -9.72 2.18
C SER B 4 -6.69 -9.32 3.12
C SER B 4 -6.67 -9.30 3.11
N THR B 5 -6.39 -9.27 4.42
CA THR B 5 -7.42 -8.87 5.39
C THR B 5 -7.89 -7.46 5.12
N ALA B 6 -6.96 -6.54 4.85
CA ALA B 6 -7.34 -5.17 4.54
C ALA B 6 -8.23 -5.10 3.31
N VAL B 7 -7.92 -5.92 2.29
CA VAL B 7 -8.72 -5.86 1.07
C VAL B 7 -10.10 -6.48 1.31
N ILE B 8 -10.16 -7.62 2.01
CA ILE B 8 -11.46 -8.22 2.34
C ILE B 8 -12.32 -7.24 3.13
N ASP B 9 -11.74 -6.60 4.14
CA ASP B 9 -12.47 -5.58 4.91
C ASP B 9 -13.03 -4.51 3.99
N ALA B 10 -12.22 -4.08 3.01
CA ALA B 10 -12.64 -3.01 2.10
C ALA B 10 -13.73 -3.50 1.15
N ILE B 11 -13.61 -4.72 0.65
CA ILE B 11 -14.64 -5.29 -0.22
C ILE B 11 -15.97 -5.38 0.52
N ASN B 12 -15.94 -5.99 1.71
CA ASN B 12 -17.19 -6.26 2.42
C ASN B 12 -17.79 -4.98 2.98
N SER B 13 -16.96 -3.95 3.22
CA SER B 13 -17.39 -2.62 3.63
C SER B 13 -18.21 -2.65 4.92
N GLY B 14 -18.42 -3.83 5.48
CA GLY B 14 -19.14 -3.93 6.74
C GLY B 14 -18.35 -3.31 7.88
N ALA B 15 -19.01 -3.19 9.01
CA ALA B 15 -18.37 -2.56 10.16
C ALA B 15 -17.21 -3.44 10.64
N THR B 16 -16.06 -2.81 10.84
CA THR B 16 -14.86 -3.46 11.32
C THR B 16 -14.72 -3.23 12.81
N LEU B 17 -13.79 -3.97 13.42
CA LEU B 17 -13.53 -3.79 14.83
C LEU B 17 -13.09 -2.35 15.14
N LYS B 18 -12.27 -1.76 14.27
CA LYS B 18 -11.85 -0.38 14.49
C LYS B 18 -13.01 0.59 14.31
N ASP B 19 -13.93 0.31 13.38
CA ASP B 19 -15.07 1.18 13.15
C ASP B 19 -15.90 1.38 14.42
N ILE B 20 -15.91 0.40 15.31
CA ILE B 20 -16.69 0.47 16.54
C ILE B 20 -15.82 0.77 17.75
N ASN B 21 -14.56 1.16 17.55
CA ASN B 21 -13.65 1.47 18.64
C ASN B 21 -13.57 0.29 19.62
N ALA B 22 -13.35 -0.91 19.06
CA ALA B 22 -13.44 -2.13 19.87
C ALA B 22 -12.28 -2.26 20.83
N ILE B 23 -11.12 -1.66 20.53
CA ILE B 23 -9.97 -1.74 21.42
C ILE B 23 -9.41 -0.33 21.61
N PRO B 24 -9.32 0.16 22.85
CA PRO B 24 -8.83 1.52 23.08
C PRO B 24 -7.38 1.71 22.66
N ASP B 25 -7.03 2.97 22.38
CA ASP B 25 -5.66 3.31 22.02
C ASP B 25 -4.68 2.83 23.08
N ASP B 26 -5.02 3.01 24.36
CA ASP B 26 -4.09 2.66 25.43
C ASP B 26 -3.81 1.16 25.46
N MET B 27 -4.82 0.33 25.18
CA MET B 27 -4.60 -1.10 25.13
C MET B 27 -3.80 -1.49 23.90
N MET B 28 -4.06 -0.84 22.76
CA MET B 28 -3.27 -1.08 21.56
C MET B 28 -1.80 -0.75 21.81
N ASP B 29 -1.53 0.37 22.49
CA ASP B 29 -0.16 0.72 22.85
C ASP B 29 0.49 -0.37 23.68
N ASP B 30 -0.26 -0.92 24.64
CA ASP B 30 0.27 -1.99 25.49
C ASP B 30 0.60 -3.23 24.68
N ILE B 31 -0.33 -3.63 23.79
CA ILE B 31 -0.10 -4.82 22.98
C ILE B 31 1.10 -4.62 22.07
N TYR B 32 1.25 -3.42 21.51
CA TYR B 32 2.43 -3.10 20.72
C TYR B 32 3.71 -3.25 21.53
N SER B 33 3.72 -2.75 22.78
CA SER B 33 4.91 -2.91 23.60
C SER B 33 5.17 -4.38 23.94
N TYR B 34 4.11 -5.17 24.15
CA TYR B 34 4.29 -6.60 24.36
C TYR B 34 4.86 -7.27 23.11
N ALA B 35 4.38 -6.84 21.93
CA ALA B 35 4.92 -7.39 20.69
C ALA B 35 6.43 -7.22 20.61
N TYR B 36 6.93 -6.04 20.96
CA TYR B 36 8.37 -5.84 20.92
C TYR B 36 9.09 -6.54 22.07
N ASP B 37 8.43 -6.71 23.22
CA ASP B 37 9.02 -7.52 24.28
C ASP B 37 9.34 -8.91 23.76
N PHE B 38 8.38 -9.53 23.07
CA PHE B 38 8.63 -10.82 22.44
C PHE B 38 9.74 -10.73 21.40
N TYR B 39 9.63 -9.74 20.50
CA TYR B 39 10.61 -9.58 19.43
C TYR B 39 12.01 -9.42 19.99
N ASN B 40 12.18 -8.54 20.99
CA ASN B 40 13.50 -8.24 21.53
C ASN B 40 14.13 -9.43 22.23
N LYS B 41 13.32 -10.38 22.72
CA LYS B 41 13.84 -11.60 23.34
C LYS B 41 14.06 -12.72 22.34
N GLY B 42 13.86 -12.47 21.05
CA GLY B 42 14.01 -13.47 20.02
C GLY B 42 12.81 -14.36 19.83
N ARG B 43 11.69 -14.06 20.51
CA ARG B 43 10.43 -14.79 20.35
C ARG B 43 9.69 -14.24 19.14
N ILE B 44 10.25 -14.52 17.96
CA ILE B 44 9.81 -13.89 16.73
C ILE B 44 8.41 -14.39 16.35
N GLU B 45 8.13 -15.67 16.61
CA GLU B 45 6.82 -16.24 16.25
C GLU B 45 5.70 -15.58 17.05
N GLU B 46 5.89 -15.39 18.35
CA GLU B 46 4.87 -14.71 19.14
C GLU B 46 4.75 -13.24 18.75
N ALA B 47 5.89 -12.58 18.50
CA ALA B 47 5.84 -11.20 18.03
C ALA B 47 5.06 -11.10 16.73
N GLU B 48 5.25 -12.07 15.82
CA GLU B 48 4.53 -12.05 14.55
C GLU B 48 3.03 -12.13 14.76
N VAL B 49 2.59 -13.00 15.67
CA VAL B 49 1.17 -13.08 15.98
C VAL B 49 0.66 -11.74 16.51
N PHE B 50 1.43 -11.14 17.42
CA PHE B 50 0.97 -9.87 18.01
C PHE B 50 0.93 -8.76 16.97
N PHE B 51 1.93 -8.69 16.08
CA PHE B 51 1.87 -7.67 15.03
C PHE B 51 0.77 -7.98 14.01
N ARG B 52 0.50 -9.27 13.73
CA ARG B 52 -0.63 -9.58 12.87
C ARG B 52 -1.94 -9.16 13.53
N PHE B 53 -2.06 -9.39 14.84
CA PHE B 53 -3.24 -8.96 15.57
C PHE B 53 -3.43 -7.45 15.46
N LEU B 54 -2.34 -6.71 15.67
CA LEU B 54 -2.42 -5.25 15.59
C LEU B 54 -2.81 -4.81 14.19
N CYS B 55 -2.27 -5.47 13.17
CA CYS B 55 -2.55 -5.11 11.79
C CYS B 55 -3.95 -5.55 11.33
N ILE B 56 -4.55 -6.53 12.01
CA ILE B 56 -5.96 -6.79 11.76
C ILE B 56 -6.83 -5.67 12.33
N TYR B 57 -6.50 -5.21 13.54
CA TYR B 57 -7.32 -4.17 14.15
C TYR B 57 -7.15 -2.83 13.46
N ASP B 58 -5.90 -2.43 13.19
CA ASP B 58 -5.59 -1.09 12.68
C ASP B 58 -4.47 -1.28 11.66
N PHE B 59 -4.84 -1.73 10.45
CA PHE B 59 -3.85 -2.02 9.43
C PHE B 59 -3.10 -0.77 9.00
N TYR B 60 -3.79 0.36 8.92
CA TYR B 60 -3.22 1.60 8.37
C TYR B 60 -2.49 2.39 9.43
N ASN B 61 -1.49 1.73 10.01
CA ASN B 61 -0.70 2.26 11.12
C ASN B 61 0.74 1.94 10.82
N VAL B 62 1.54 2.99 10.59
CA VAL B 62 2.91 2.79 10.15
C VAL B 62 3.70 1.96 11.17
N ASP B 63 3.46 2.17 12.46
CA ASP B 63 4.27 1.47 13.45
C ASP B 63 3.97 -0.02 13.44
N TYR B 64 2.72 -0.40 13.24
CA TYR B 64 2.39 -1.82 13.22
C TYR B 64 2.92 -2.46 11.94
N ILE B 65 2.76 -1.76 10.81
N ILE B 65 2.74 -1.77 10.81
CA ILE B 65 3.19 -2.29 9.53
CA ILE B 65 3.21 -2.29 9.52
C ILE B 65 4.71 -2.47 9.52
C ILE B 65 4.72 -2.50 9.56
N MET B 66 5.46 -1.48 10.01
CA MET B 66 6.91 -1.59 10.03
C MET B 66 7.39 -2.74 10.90
N GLY B 67 6.71 -3.00 12.03
CA GLY B 67 7.10 -4.11 12.86
C GLY B 67 6.92 -5.45 12.18
N LEU B 68 5.78 -5.62 11.52
CA LEU B 68 5.53 -6.86 10.81
C LEU B 68 6.46 -7.01 9.61
N ALA B 69 6.73 -5.91 8.90
CA ALA B 69 7.62 -5.99 7.74
C ALA B 69 9.02 -6.41 8.16
N ALA B 70 9.49 -5.92 9.30
CA ALA B 70 10.80 -6.31 9.81
C ALA B 70 10.86 -7.81 10.07
N ILE B 71 9.80 -8.36 10.66
CA ILE B 71 9.78 -9.79 10.94
C ILE B 71 9.87 -10.59 9.64
N TYR B 72 9.08 -10.21 8.64
CA TYR B 72 9.12 -10.92 7.38
C TYR B 72 10.51 -10.81 6.74
N GLN B 73 11.15 -9.64 6.82
CA GLN B 73 12.48 -9.53 6.25
C GLN B 73 13.46 -10.44 6.96
N ILE B 74 13.39 -10.50 8.30
CA ILE B 74 14.26 -11.39 9.08
C ILE B 74 14.01 -12.85 8.69
N LYS B 75 12.75 -13.20 8.46
CA LYS B 75 12.37 -14.55 8.07
C LYS B 75 12.60 -14.85 6.60
N GLU B 76 13.19 -13.91 5.85
CA GLU B 76 13.50 -14.06 4.43
C GLU B 76 12.23 -14.23 3.59
N GLN B 77 11.12 -13.69 4.08
CA GLN B 77 9.90 -13.56 3.30
C GLN B 77 9.92 -12.16 2.64
N PHE B 78 10.78 -12.06 1.63
CA PHE B 78 11.20 -10.75 1.15
C PHE B 78 10.08 -10.04 0.40
N GLN B 79 9.27 -10.76 -0.36
CA GLN B 79 8.19 -10.09 -1.09
C GLN B 79 7.12 -9.58 -0.12
N GLN B 80 6.77 -10.37 0.89
CA GLN B 80 5.81 -9.92 1.88
C GLN B 80 6.33 -8.70 2.62
N ALA B 81 7.61 -8.71 2.96
CA ALA B 81 8.22 -7.55 3.61
C ALA B 81 8.18 -6.33 2.70
N ALA B 82 8.59 -6.50 1.44
CA ALA B 82 8.59 -5.37 0.51
C ALA B 82 7.21 -4.78 0.37
N ASP B 83 6.18 -5.63 0.29
CA ASP B 83 4.83 -5.10 0.12
C ASP B 83 4.42 -4.25 1.31
N LEU B 84 4.71 -4.74 2.53
CA LEU B 84 4.34 -4.00 3.73
C LEU B 84 5.15 -2.72 3.86
N TYR B 85 6.45 -2.76 3.53
CA TYR B 85 7.22 -1.51 3.58
C TYR B 85 6.63 -0.47 2.64
N ALA B 86 6.14 -0.89 1.48
CA ALA B 86 5.53 0.06 0.56
C ALA B 86 4.24 0.66 1.14
N VAL B 87 3.43 -0.15 1.85
CA VAL B 87 2.27 0.43 2.51
C VAL B 87 2.72 1.47 3.54
N ALA B 88 3.73 1.13 4.34
CA ALA B 88 4.22 2.05 5.37
C ALA B 88 4.67 3.37 4.75
N PHE B 89 5.37 3.29 3.62
CA PHE B 89 5.81 4.52 2.98
C PHE B 89 4.63 5.35 2.49
N ALA B 90 3.63 4.68 1.87
CA ALA B 90 2.45 5.40 1.40
C ALA B 90 1.77 6.15 2.54
N LEU B 91 1.83 5.59 3.75
CA LEU B 91 1.22 6.23 4.92
C LEU B 91 2.18 7.16 5.68
N GLY B 92 3.50 6.98 5.55
CA GLY B 92 4.48 7.83 6.21
C GLY B 92 5.52 8.39 5.26
N LYS B 93 5.08 9.27 4.37
CA LYS B 93 5.80 9.59 3.13
C LYS B 93 7.10 10.34 3.34
N ASN B 94 7.45 10.73 4.56
CA ASN B 94 8.66 11.51 4.80
C ASN B 94 9.81 10.68 5.37
N ASP B 95 9.60 9.41 5.67
CA ASP B 95 10.62 8.53 6.23
C ASP B 95 11.04 7.55 5.13
N TYR B 96 12.32 7.60 4.74
CA TYR B 96 12.78 6.75 3.65
C TYR B 96 13.33 5.41 4.13
N THR B 97 13.29 5.14 5.44
CA THR B 97 13.70 3.82 5.93
C THR B 97 12.92 2.69 5.28
N PRO B 98 11.60 2.73 5.12
CA PRO B 98 10.94 1.62 4.41
C PRO B 98 11.38 1.48 2.98
N VAL B 99 11.77 2.57 2.31
CA VAL B 99 12.26 2.47 0.94
C VAL B 99 13.62 1.80 0.92
N PHE B 100 14.51 2.18 1.85
CA PHE B 100 15.79 1.51 1.98
C PHE B 100 15.60 0.01 2.19
N HIS B 101 14.73 -0.37 3.12
CA HIS B 101 14.57 -1.80 3.37
C HIS B 101 13.91 -2.51 2.19
N THR B 102 12.99 -1.85 1.49
CA THR B 102 12.45 -2.44 0.26
C THR B 102 13.58 -2.69 -0.76
N GLY B 103 14.52 -1.76 -0.85
CA GLY B 103 15.65 -2.00 -1.75
C GLY B 103 16.41 -3.26 -1.39
N GLN B 104 16.64 -3.48 -0.09
CA GLN B 104 17.31 -4.70 0.33
C GLN B 104 16.51 -5.93 -0.09
N CYS B 105 15.20 -5.89 0.15
CA CYS B 105 14.34 -7.02 -0.22
C CYS B 105 14.39 -7.30 -1.72
N GLN B 106 14.30 -6.25 -2.54
CA GLN B 106 14.33 -6.45 -3.99
C GLN B 106 15.64 -7.07 -4.45
N LEU B 107 16.76 -6.69 -3.82
CA LEU B 107 18.02 -7.36 -4.13
C LEU B 107 17.96 -8.84 -3.86
N ARG B 108 17.36 -9.24 -2.74
CA ARG B 108 17.25 -10.66 -2.43
C ARG B 108 16.27 -11.36 -3.37
N LEU B 109 15.31 -10.60 -3.92
CA LEU B 109 14.35 -11.11 -4.88
C LEU B 109 14.89 -11.12 -6.31
N LYS B 110 16.17 -10.82 -6.49
CA LYS B 110 16.82 -10.82 -7.82
C LYS B 110 16.16 -9.80 -8.75
N ALA B 111 15.82 -8.64 -8.19
CA ALA B 111 15.21 -7.54 -8.94
C ALA B 111 16.10 -6.30 -8.75
N PRO B 112 17.29 -6.31 -9.35
CA PRO B 112 18.24 -5.22 -9.07
C PRO B 112 17.78 -3.87 -9.58
N LEU B 113 16.97 -3.83 -10.65
CA LEU B 113 16.49 -2.54 -11.15
C LEU B 113 15.48 -1.93 -10.19
N LYS B 114 14.61 -2.75 -9.61
CA LYS B 114 13.72 -2.25 -8.56
C LYS B 114 14.52 -1.82 -7.33
N ALA B 115 15.55 -2.58 -6.97
CA ALA B 115 16.37 -2.20 -5.83
C ALA B 115 17.09 -0.88 -6.10
N LYS B 116 17.63 -0.72 -7.31
CA LYS B 116 18.33 0.52 -7.65
C LYS B 116 17.42 1.73 -7.50
N GLU B 117 16.17 1.62 -7.98
CA GLU B 117 15.23 2.72 -7.86
C GLU B 117 15.01 3.08 -6.40
N CYS B 118 14.94 2.07 -5.52
CA CYS B 118 14.76 2.32 -4.10
C CYS B 118 15.95 3.07 -3.53
N PHE B 119 17.16 2.59 -3.79
CA PHE B 119 18.32 3.24 -3.19
C PHE B 119 18.51 4.64 -3.75
N GLU B 120 18.22 4.83 -5.04
CA GLU B 120 18.30 6.17 -5.63
C GLU B 120 17.31 7.12 -4.99
N LEU B 121 16.09 6.65 -4.67
CA LEU B 121 15.14 7.54 -4.01
C LEU B 121 15.68 8.00 -2.66
N VAL B 122 16.29 7.08 -1.91
CA VAL B 122 16.86 7.41 -0.61
C VAL B 122 17.89 8.50 -0.76
N ILE B 123 18.82 8.32 -1.71
N ILE B 123 18.80 8.35 -1.73
CA ILE B 123 19.90 9.28 -1.92
CA ILE B 123 19.88 9.31 -1.85
C ILE B 123 19.33 10.65 -2.26
C ILE B 123 19.38 10.67 -2.31
N GLN B 124 18.35 10.69 -3.16
CA GLN B 124 17.83 11.96 -3.65
C GLN B 124 16.97 12.68 -2.62
N HIS B 125 16.20 11.94 -1.80
CA HIS B 125 15.16 12.57 -1.01
C HIS B 125 15.35 12.50 0.50
N SER B 126 16.11 11.54 1.01
CA SER B 126 16.24 11.43 2.45
C SER B 126 17.17 12.52 2.99
N ASN B 127 16.88 12.98 4.20
CA ASN B 127 17.79 13.86 4.92
C ASN B 127 18.56 13.13 6.00
N ASP B 128 18.47 11.80 6.03
CA ASP B 128 19.19 10.96 6.96
C ASP B 128 20.54 10.62 6.31
N GLU B 129 21.60 11.30 6.75
CA GLU B 129 22.87 11.15 6.06
C GLU B 129 23.45 9.75 6.21
N LYS B 130 23.20 9.08 7.34
CA LYS B 130 23.68 7.71 7.53
C LYS B 130 22.92 6.72 6.65
N LEU B 131 21.61 6.92 6.52
CA LEU B 131 20.83 6.08 5.62
C LEU B 131 21.30 6.24 4.18
N LYS B 132 21.69 7.47 3.80
CA LYS B 132 22.16 7.70 2.45
C LYS B 132 23.46 6.96 2.17
N ILE B 133 24.39 6.95 3.13
CA ILE B 133 25.64 6.18 2.93
C ILE B 133 25.33 4.71 2.73
N LYS B 134 24.41 4.17 3.52
CA LYS B 134 24.08 2.75 3.38
C LYS B 134 23.47 2.48 2.01
N ALA B 135 22.56 3.33 1.56
CA ALA B 135 21.97 3.14 0.24
C ALA B 135 23.04 3.20 -0.84
N GLN B 136 23.99 4.12 -0.71
CA GLN B 136 25.04 4.25 -1.72
C GLN B 136 25.91 3.00 -1.75
N SER B 137 26.16 2.40 -0.58
CA SER B 137 26.96 1.17 -0.55
C SER B 137 26.30 0.05 -1.33
N TYR B 138 24.96 -0.03 -1.27
CA TYR B 138 24.25 -0.99 -2.09
C TYR B 138 24.33 -0.61 -3.57
N LEU B 139 24.10 0.66 -3.89
CA LEU B 139 24.20 1.10 -5.28
C LEU B 139 25.56 0.77 -5.84
N ASP B 140 26.62 0.96 -5.05
CA ASP B 140 27.97 0.69 -5.55
C ASP B 140 28.14 -0.77 -5.92
N ALA B 141 27.39 -1.66 -5.29
CA ALA B 141 27.45 -3.09 -5.57
C ALA B 141 26.52 -3.51 -6.70
N ILE B 142 25.71 -2.60 -7.22
N ILE B 142 25.79 -2.55 -7.27
CA ILE B 142 24.84 -2.90 -8.35
CA ILE B 142 24.83 -2.79 -8.35
C ILE B 142 25.49 -2.38 -9.63
C ILE B 142 23.69 -3.65 -7.85
#